data_9PV2
#
_entry.id   9PV2
#
_cell.length_a   38.373
_cell.length_b   55.531
_cell.length_c   77.077
_cell.angle_alpha   90.000
_cell.angle_beta   90.000
_cell.angle_gamma   90.000
#
_symmetry.space_group_name_H-M   'P 21 21 21'
#
loop_
_entity.id
_entity.type
_entity.pdbx_description
1 polymer 'Cell cycle protein GpsB'
2 water water
#
_entity_poly.entity_id   1
_entity_poly.type   'polypeptide(L)'
_entity_poly.pdbx_seq_one_letter_code
;MSDVSLKLSAKDIYEKDFEKTMARGYRREEVDAFLDDIIADYQKMADMNNEVVKLSEENHKLKKELEELRLRVAT
;
_entity_poly.pdbx_strand_id   A,B
#
# COMPACT_ATOMS: atom_id res chain seq x y z
N ASP A 3 -0.62 8.79 0.19
CA ASP A 3 0.03 8.93 -1.11
C ASP A 3 0.94 7.75 -1.40
N VAL A 4 1.54 7.17 -0.37
CA VAL A 4 2.64 6.24 -0.58
C VAL A 4 2.35 4.87 0.03
N SER A 5 1.52 4.82 1.05
CA SER A 5 1.22 3.53 1.67
C SER A 5 0.02 2.89 1.00
N LEU A 6 -0.11 1.58 1.22
CA LEU A 6 -1.20 0.82 0.62
C LEU A 6 -2.54 1.27 1.17
N LYS A 7 -3.54 1.28 0.29
CA LYS A 7 -4.91 1.52 0.72
C LYS A 7 -5.45 0.30 1.46
N LEU A 8 -5.21 -0.89 0.93
CA LEU A 8 -5.75 -2.12 1.46
C LEU A 8 -4.68 -2.91 2.20
N SER A 9 -5.12 -3.80 3.08
CA SER A 9 -4.23 -4.73 3.77
C SER A 9 -4.63 -6.15 3.38
N ALA A 10 -3.76 -7.10 3.73
CA ALA A 10 -4.06 -8.51 3.46
C ALA A 10 -5.44 -8.88 3.98
N LYS A 11 -5.79 -8.42 5.18
CA LYS A 11 -7.06 -8.82 5.78
C LYS A 11 -8.26 -8.20 5.04
N ASP A 12 -8.10 -7.01 4.47
CA ASP A 12 -9.16 -6.50 3.60
C ASP A 12 -9.43 -7.46 2.45
N ILE A 13 -8.37 -8.05 1.89
CA ILE A 13 -8.53 -8.93 0.74
C ILE A 13 -9.13 -10.25 1.16
N TYR A 14 -8.63 -10.86 2.24
CA TYR A 14 -9.13 -12.19 2.55
C TYR A 14 -10.46 -12.20 3.30
N GLU A 15 -10.93 -11.04 3.76
CA GLU A 15 -12.29 -10.94 4.28
C GLU A 15 -13.32 -10.56 3.22
N LYS A 16 -12.86 -10.16 2.04
CA LYS A 16 -13.76 -9.67 0.99
C LYS A 16 -14.62 -10.80 0.44
N ASP A 17 -15.91 -10.52 0.28
CA ASP A 17 -16.81 -11.37 -0.48
C ASP A 17 -17.58 -10.50 -1.46
N PHE A 18 -18.05 -11.10 -2.55
CA PHE A 18 -18.75 -10.38 -3.59
C PHE A 18 -20.21 -10.83 -3.66
N GLU A 19 -21.06 -9.92 -4.12
CA GLU A 19 -22.44 -10.30 -4.44
C GLU A 19 -22.44 -11.47 -5.43
N LYS A 20 -23.43 -12.34 -5.28
CA LYS A 20 -23.65 -13.46 -6.20
C LYS A 20 -24.73 -13.10 -7.20
N THR A 21 -24.56 -13.54 -8.45
CA THR A 21 -25.56 -13.37 -9.49
C THR A 21 -25.94 -14.72 -10.07
N MET A 22 -27.17 -14.79 -10.60
CA MET A 22 -27.69 -16.06 -11.10
C MET A 22 -26.90 -16.58 -12.30
N ALA A 23 -26.48 -15.67 -13.19
CA ALA A 23 -25.79 -16.07 -14.39
C ALA A 23 -24.96 -14.89 -14.90
N ARG A 24 -23.89 -15.22 -15.64
CA ARG A 24 -23.01 -14.29 -16.34
C ARG A 24 -22.11 -13.48 -15.40
N GLY A 25 -22.07 -13.81 -14.12
CA GLY A 25 -21.01 -13.32 -13.27
C GLY A 25 -19.71 -14.05 -13.56
N TYR A 26 -18.67 -13.69 -12.82
CA TYR A 26 -17.37 -14.31 -12.99
C TYR A 26 -17.29 -15.64 -12.24
N ARG A 27 -16.59 -16.60 -12.84
CA ARG A 27 -16.40 -17.91 -12.22
C ARG A 27 -15.75 -17.76 -10.84
N ARG A 28 -16.44 -18.26 -9.80
CA ARG A 28 -15.99 -18.01 -8.43
C ARG A 28 -14.64 -18.66 -8.16
N GLU A 29 -14.45 -19.90 -8.63
CA GLU A 29 -13.18 -20.58 -8.40
C GLU A 29 -12.01 -19.82 -9.02
N GLU A 30 -12.24 -19.18 -10.17
CA GLU A 30 -11.15 -18.43 -10.80
C GLU A 30 -10.84 -17.16 -10.04
N VAL A 31 -11.87 -16.46 -9.57
CA VAL A 31 -11.65 -15.22 -8.81
C VAL A 31 -10.99 -15.54 -7.47
N ASP A 32 -11.48 -16.59 -6.79
CA ASP A 32 -10.91 -16.96 -5.50
C ASP A 32 -9.45 -17.38 -5.64
N ALA A 33 -9.12 -18.11 -6.71
CA ALA A 33 -7.74 -18.55 -6.90
C ALA A 33 -6.83 -17.35 -7.19
N PHE A 34 -7.33 -16.37 -7.94
CA PHE A 34 -6.55 -15.15 -8.21
C PHE A 34 -6.33 -14.36 -6.92
N LEU A 35 -7.37 -14.25 -6.09
CA LEU A 35 -7.22 -13.53 -4.83
C LEU A 35 -6.33 -14.28 -3.86
N ASP A 36 -6.23 -15.61 -3.97
CA ASP A 36 -5.24 -16.37 -3.19
C ASP A 36 -3.86 -15.79 -3.36
N ASP A 37 -3.47 -15.51 -4.62
CA ASP A 37 -2.14 -14.99 -4.89
C ASP A 37 -2.03 -13.53 -4.44
N ILE A 38 -3.08 -12.74 -4.66
CA ILE A 38 -3.06 -11.34 -4.25
C ILE A 38 -2.87 -11.24 -2.75
N ILE A 39 -3.59 -12.05 -1.99
CA ILE A 39 -3.43 -12.09 -0.54
C ILE A 39 -1.98 -12.36 -0.16
N ALA A 40 -1.36 -13.35 -0.81
CA ALA A 40 0.02 -13.69 -0.51
C ALA A 40 0.95 -12.52 -0.78
N ASP A 41 0.70 -11.77 -1.84
CA ASP A 41 1.53 -10.60 -2.14
C ASP A 41 1.35 -9.51 -1.09
N TYR A 42 0.12 -9.25 -0.65
CA TYR A 42 -0.10 -8.25 0.39
C TYR A 42 0.58 -8.65 1.69
N GLN A 43 0.55 -9.94 2.01
CA GLN A 43 1.25 -10.41 3.21
C GLN A 43 2.75 -10.20 3.07
N LYS A 44 3.29 -10.45 1.88
CA LYS A 44 4.72 -10.29 1.67
C LYS A 44 5.15 -8.84 1.76
N MET A 45 4.24 -7.91 1.42
CA MET A 45 4.52 -6.48 1.43
C MET A 45 4.25 -5.83 2.78
N ALA A 46 3.73 -6.58 3.76
CA ALA A 46 3.25 -5.97 5.00
C ALA A 46 4.37 -5.24 5.73
N ASP A 47 5.55 -5.87 5.84
CA ASP A 47 6.66 -5.26 6.58
C ASP A 47 7.11 -3.96 5.93
N MET A 48 7.31 -3.98 4.60
CA MET A 48 7.77 -2.78 3.93
C MET A 48 6.73 -1.67 4.01
N ASN A 49 5.45 -2.03 3.92
CA ASN A 49 4.40 -1.02 4.03
C ASN A 49 4.33 -0.46 5.45
N ASN A 50 4.53 -1.31 6.46
CA ASN A 50 4.60 -0.81 7.82
C ASN A 50 5.76 0.16 7.99
N GLU A 51 6.91 -0.15 7.38
CA GLU A 51 8.07 0.73 7.48
C GLU A 51 7.81 2.08 6.81
N VAL A 52 7.14 2.07 5.65
CA VAL A 52 6.91 3.34 4.97
C VAL A 52 5.90 4.18 5.75
N VAL A 53 4.93 3.55 6.42
CA VAL A 53 4.00 4.31 7.26
C VAL A 53 4.72 4.89 8.46
N LYS A 54 5.51 4.07 9.14
CA LYS A 54 6.26 4.54 10.31
C LYS A 54 7.21 5.69 9.95
N LEU A 55 7.95 5.54 8.85
CA LEU A 55 8.86 6.59 8.45
C LEU A 55 8.11 7.86 8.06
N SER A 56 6.95 7.71 7.42
CA SER A 56 6.15 8.88 7.03
C SER A 56 5.67 9.66 8.24
N GLU A 57 5.12 8.96 9.24
CA GLU A 57 4.62 9.64 10.42
C GLU A 57 5.76 10.28 11.21
N GLU A 58 6.91 9.61 11.27
CA GLU A 58 8.05 10.17 11.97
C GLU A 58 8.64 11.37 11.21
N ASN A 59 8.66 11.28 9.88
CA ASN A 59 9.02 12.42 9.03
C ASN A 59 8.17 13.64 9.38
N HIS A 60 6.85 13.45 9.42
CA HIS A 60 5.95 14.56 9.73
C HIS A 60 6.22 15.13 11.12
N LYS A 61 6.44 14.26 12.10
CA LYS A 61 6.70 14.74 13.47
C LYS A 61 8.01 15.50 13.55
N LEU A 62 9.05 15.02 12.86
CA LEU A 62 10.33 15.72 12.88
C LEU A 62 10.21 17.10 12.23
N LYS A 63 9.57 17.17 11.05
CA LYS A 63 9.37 18.45 10.38
C LYS A 63 8.60 19.42 11.26
N LYS A 64 7.56 18.94 11.94
CA LYS A 64 6.75 19.81 12.77
C LYS A 64 7.55 20.33 13.95
N GLU A 65 8.31 19.46 14.63
CA GLU A 65 9.10 19.93 15.77
C GLU A 65 10.19 20.88 15.32
N LEU A 66 10.82 20.62 14.17
CA LEU A 66 11.81 21.53 13.62
C LEU A 66 11.22 22.91 13.38
N GLU A 67 10.02 22.96 12.78
CA GLU A 67 9.35 24.22 12.55
C GLU A 67 9.06 24.94 13.86
N GLU A 68 8.60 24.19 14.87
CA GLU A 68 8.27 24.82 16.15
C GLU A 68 9.52 25.38 16.82
N LEU A 69 10.63 24.63 16.79
CA LEU A 69 11.84 25.07 17.48
C LEU A 69 12.52 26.22 16.72
N ARG A 70 12.49 26.17 15.39
CA ARG A 70 13.04 27.28 14.62
C ARG A 70 12.28 28.57 14.88
N LEU A 71 10.98 28.47 15.11
CA LEU A 71 10.21 29.65 15.52
C LEU A 71 10.62 30.10 16.92
N ARG A 72 10.93 29.15 17.81
CA ARG A 72 11.31 29.48 19.18
C ARG A 72 12.62 30.27 19.22
N VAL A 73 13.59 29.89 18.39
CA VAL A 73 14.87 30.59 18.40
C VAL A 73 14.76 31.96 17.75
N ALA A 74 13.75 32.16 16.89
CA ALA A 74 13.49 33.45 16.28
C ALA A 74 12.65 34.37 17.17
N THR A 75 12.70 34.16 18.48
CA THR A 75 11.90 34.92 19.45
C THR A 75 12.09 36.43 19.31
N SER B 2 15.71 -5.52 1.55
CA SER B 2 15.81 -6.03 0.19
C SER B 2 14.50 -5.86 -0.57
N ASP B 3 14.59 -5.83 -1.90
CA ASP B 3 13.39 -5.80 -2.73
C ASP B 3 12.57 -7.06 -2.50
N VAL B 4 11.27 -6.97 -2.80
CA VAL B 4 10.32 -8.03 -2.53
C VAL B 4 9.84 -8.60 -3.86
N SER B 5 9.99 -9.91 -4.04
CA SER B 5 9.54 -10.59 -5.24
C SER B 5 8.10 -11.04 -5.07
N LEU B 6 7.21 -10.54 -5.92
CA LEU B 6 5.79 -10.82 -5.81
C LEU B 6 5.33 -11.78 -6.90
N LYS B 7 4.16 -12.38 -6.67
CA LYS B 7 3.59 -13.26 -7.67
C LYS B 7 3.06 -12.48 -8.86
N LEU B 8 2.49 -11.31 -8.63
CA LEU B 8 1.79 -10.54 -9.65
C LEU B 8 2.34 -9.13 -9.74
N SER B 9 1.93 -8.44 -10.80
CA SER B 9 2.23 -7.03 -11.02
C SER B 9 0.92 -6.30 -11.28
N ALA B 10 1.00 -4.96 -11.28
CA ALA B 10 -0.17 -4.18 -11.68
C ALA B 10 -0.64 -4.57 -13.08
N LYS B 11 0.31 -4.84 -13.99
CA LYS B 11 -0.04 -5.26 -15.34
C LYS B 11 -0.77 -6.61 -15.34
N ASP B 12 -0.32 -7.54 -14.50
CA ASP B 12 -0.97 -8.85 -14.45
C ASP B 12 -2.43 -8.74 -14.04
N ILE B 13 -2.72 -7.89 -13.04
CA ILE B 13 -4.08 -7.76 -12.56
C ILE B 13 -4.94 -7.04 -13.58
N TYR B 14 -4.37 -6.00 -14.20
CA TYR B 14 -5.06 -5.29 -15.27
C TYR B 14 -5.45 -6.21 -16.41
N GLU B 15 -4.57 -7.14 -16.77
CA GLU B 15 -4.80 -8.03 -17.92
C GLU B 15 -5.60 -9.27 -17.58
N LYS B 16 -5.91 -9.52 -16.31
CA LYS B 16 -6.60 -10.75 -15.93
C LYS B 16 -8.03 -10.75 -16.45
N ASP B 17 -8.37 -11.77 -17.24
CA ASP B 17 -9.69 -11.92 -17.84
C ASP B 17 -10.38 -13.14 -17.21
N PHE B 18 -11.40 -12.90 -16.39
CA PHE B 18 -12.13 -14.00 -15.77
C PHE B 18 -13.18 -14.56 -16.73
N GLU B 19 -13.38 -15.86 -16.66
CA GLU B 19 -14.46 -16.48 -17.42
C GLU B 19 -15.81 -16.07 -16.84
N LYS B 20 -16.74 -15.72 -17.71
CA LYS B 20 -18.10 -15.44 -17.29
C LYS B 20 -18.89 -16.75 -17.31
N THR B 21 -19.40 -17.14 -16.15
CA THR B 21 -20.10 -18.42 -16.02
C THR B 21 -21.61 -18.23 -16.09
N MET B 22 -22.29 -19.22 -16.69
CA MET B 22 -23.75 -19.26 -16.66
C MET B 22 -24.30 -19.84 -15.36
N ALA B 23 -23.43 -20.37 -14.51
CA ALA B 23 -23.83 -20.80 -13.18
C ALA B 23 -23.71 -19.62 -12.21
N ARG B 24 -24.11 -19.86 -10.96
CA ARG B 24 -23.98 -18.85 -9.92
C ARG B 24 -22.54 -18.34 -9.83
N GLY B 25 -22.38 -17.02 -9.85
CA GLY B 25 -21.05 -16.43 -9.89
C GLY B 25 -20.96 -15.08 -9.21
N TYR B 26 -19.80 -14.42 -9.29
CA TYR B 26 -19.55 -13.14 -8.66
C TYR B 26 -19.97 -12.00 -9.57
N ARG B 27 -20.61 -10.98 -8.99
CA ARG B 27 -21.00 -9.82 -9.79
C ARG B 27 -19.79 -9.18 -10.44
N ARG B 28 -19.85 -9.05 -11.77
CA ARG B 28 -18.72 -8.54 -12.54
C ARG B 28 -18.28 -7.16 -12.07
N GLU B 29 -19.21 -6.19 -12.03
CA GLU B 29 -18.83 -4.82 -11.70
C GLU B 29 -18.17 -4.72 -10.33
N GLU B 30 -18.61 -5.53 -9.37
CA GLU B 30 -18.04 -5.45 -8.02
C GLU B 30 -16.62 -6.02 -7.99
N VAL B 31 -16.40 -7.15 -8.68
CA VAL B 31 -15.06 -7.71 -8.79
C VAL B 31 -14.13 -6.74 -9.51
N ASP B 32 -14.60 -6.16 -10.63
CA ASP B 32 -13.78 -5.24 -11.40
C ASP B 32 -13.40 -4.01 -10.59
N ALA B 33 -14.35 -3.44 -9.84
CA ALA B 33 -14.05 -2.27 -9.03
C ALA B 33 -13.04 -2.59 -7.93
N PHE B 34 -13.18 -3.77 -7.33
CA PHE B 34 -12.23 -4.21 -6.30
C PHE B 34 -10.84 -4.37 -6.89
N LEU B 35 -10.73 -5.01 -8.04
CA LEU B 35 -9.42 -5.15 -8.69
C LEU B 35 -8.85 -3.80 -9.08
N ASP B 36 -9.69 -2.82 -9.43
CA ASP B 36 -9.19 -1.48 -9.72
C ASP B 36 -8.44 -0.90 -8.53
N ASP B 37 -8.97 -1.10 -7.31
CA ASP B 37 -8.27 -0.63 -6.12
C ASP B 37 -6.97 -1.39 -5.92
N ILE B 38 -6.99 -2.70 -6.18
CA ILE B 38 -5.79 -3.52 -6.00
C ILE B 38 -4.70 -3.11 -6.97
N ILE B 39 -5.08 -2.75 -8.20
CA ILE B 39 -4.12 -2.25 -9.18
C ILE B 39 -3.37 -1.04 -8.63
N ALA B 40 -4.12 -0.09 -8.06
CA ALA B 40 -3.49 1.10 -7.50
C ALA B 40 -2.50 0.74 -6.42
N ASP B 41 -2.86 -0.22 -5.55
CA ASP B 41 -1.93 -0.66 -4.51
C ASP B 41 -0.69 -1.30 -5.12
N TYR B 42 -0.84 -2.11 -6.17
CA TYR B 42 0.34 -2.71 -6.79
C TYR B 42 1.24 -1.66 -7.40
N GLN B 43 0.66 -0.57 -7.92
CA GLN B 43 1.49 0.55 -8.36
C GLN B 43 2.32 1.09 -7.20
N LYS B 44 1.73 1.18 -6.02
N LYS B 44 1.72 1.21 -6.03
CA LYS B 44 2.45 1.66 -4.85
CA LYS B 44 2.48 1.68 -4.87
C LYS B 44 3.52 0.68 -4.43
C LYS B 44 3.55 0.67 -4.47
N MET B 45 3.25 -0.63 -4.55
CA MET B 45 4.24 -1.64 -4.20
C MET B 45 5.48 -1.53 -5.06
N ALA B 46 5.31 -1.20 -6.35
CA ALA B 46 6.45 -1.13 -7.25
C ALA B 46 7.44 -0.05 -6.82
N ASP B 47 6.93 1.05 -6.27
CA ASP B 47 7.76 2.18 -5.88
C ASP B 47 8.15 2.17 -4.41
N MET B 48 7.66 1.22 -3.62
CA MET B 48 7.70 1.38 -2.17
C MET B 48 9.11 1.34 -1.62
N ASN B 49 9.96 0.45 -2.13
CA ASN B 49 11.31 0.34 -1.58
C ASN B 49 12.09 1.62 -1.82
N ASN B 50 11.90 2.25 -2.99
CA ASN B 50 12.54 3.54 -3.25
C ASN B 50 12.06 4.60 -2.26
N GLU B 51 10.78 4.56 -1.90
N GLU B 51 10.77 4.58 -1.91
CA GLU B 51 10.23 5.53 -0.97
CA GLU B 51 10.29 5.57 -0.96
C GLU B 51 10.72 5.30 0.46
C GLU B 51 10.85 5.31 0.43
N VAL B 52 10.96 4.04 0.82
CA VAL B 52 11.55 3.73 2.12
C VAL B 52 12.97 4.29 2.19
N VAL B 53 13.74 4.14 1.11
CA VAL B 53 15.07 4.72 1.06
C VAL B 53 14.99 6.25 1.16
N LYS B 54 14.08 6.85 0.37
CA LYS B 54 13.93 8.30 0.40
C LYS B 54 13.55 8.79 1.80
N LEU B 55 12.56 8.13 2.42
CA LEU B 55 12.12 8.56 3.75
C LEU B 55 13.20 8.32 4.80
N SER B 56 13.90 7.18 4.71
CA SER B 56 14.96 6.89 5.68
C SER B 56 16.06 7.94 5.62
N GLU B 57 16.47 8.34 4.42
CA GLU B 57 17.57 9.30 4.30
C GLU B 57 17.15 10.69 4.77
N GLU B 58 15.96 11.16 4.37
CA GLU B 58 15.52 12.47 4.83
C GLU B 58 15.30 12.48 6.35
N ASN B 59 14.78 11.39 6.90
CA ASN B 59 14.55 11.32 8.34
C ASN B 59 15.86 11.39 9.12
N HIS B 60 16.91 10.73 8.63
CA HIS B 60 18.21 10.86 9.27
C HIS B 60 18.71 12.29 9.22
N LYS B 61 18.51 12.96 8.09
CA LYS B 61 18.89 14.37 7.98
C LYS B 61 18.07 15.24 8.92
N LEU B 62 16.76 15.00 9.00
CA LEU B 62 15.91 15.78 9.89
C LEU B 62 16.29 15.57 11.34
N LYS B 63 16.60 14.33 11.72
CA LYS B 63 17.00 14.06 13.10
C LYS B 63 18.26 14.81 13.49
N LYS B 64 19.23 14.90 12.58
CA LYS B 64 20.47 15.61 12.88
C LYS B 64 20.20 17.09 13.10
N GLU B 65 19.34 17.69 12.26
CA GLU B 65 19.02 19.10 12.44
C GLU B 65 18.24 19.33 13.72
N LEU B 66 17.37 18.40 14.10
CA LEU B 66 16.60 18.53 15.33
C LEU B 66 17.51 18.48 16.56
N GLU B 67 18.45 17.54 16.59
CA GLU B 67 19.40 17.49 17.71
C GLU B 67 20.17 18.79 17.82
N GLU B 68 20.61 19.36 16.70
CA GLU B 68 21.34 20.62 16.74
C GLU B 68 20.48 21.75 17.31
N LEU B 69 19.21 21.81 16.91
CA LEU B 69 18.32 22.85 17.44
C LEU B 69 18.05 22.67 18.93
N ARG B 70 18.00 21.42 19.41
CA ARG B 70 17.76 21.20 20.83
C ARG B 70 18.95 21.60 21.69
N LEU B 71 20.12 21.83 21.09
CA LEU B 71 21.23 22.45 21.82
C LEU B 71 21.02 23.94 22.00
N ARG B 72 20.11 24.54 21.21
CA ARG B 72 19.93 25.98 21.17
C ARG B 72 18.64 26.47 21.80
N VAL B 73 17.67 25.59 22.03
CA VAL B 73 16.38 26.01 22.57
C VAL B 73 15.92 24.99 23.60
N ALA B 74 15.31 25.48 24.68
CA ALA B 74 14.84 24.62 25.76
C ALA B 74 13.53 23.93 25.39
#